data_5O72
#
_entry.id   5O72
#
_cell.length_a   92.151
_cell.length_b   92.151
_cell.length_c   133.191
_cell.angle_alpha   90.00
_cell.angle_beta   90.00
_cell.angle_gamma   90.00
#
_symmetry.space_group_name_H-M   'I 4 2 2'
#
loop_
_entity.id
_entity.type
_entity.pdbx_description
1 polymer '17-beta-hydroxysteroid dehydrogenase 14'
2 non-polymer 'SODIUM ION'
3 non-polymer NICOTINAMIDE-ADENINE-DINUCLEOTIDE
4 non-polymer 2-azanyl-~{N}-[2-(4-fluoranyl-3-oxidanyl-phenyl)carbonylquinolin-7-yl]ethanamide
5 water water
#
_entity_poly.entity_id   1
_entity_poly.type   'polypeptide(L)'
_entity_poly.pdbx_seq_one_letter_code
;GHMATGTRYAGKVVVVTGGGRGIGAGIVRAFVNSGARVVICDKDESGGRALEQELPGAVFILCDVTQEDDVKTLVSETIR
RFGRLDCVVNNAGHHPPPQRPEETSAQGFRQLLELNLLGTYTLTKLALPYLRKSQGNVINISSLVGAIGQAQAVPYVATK
GAVTAMTKALALDESPYGVRVNCISPGNIWTPLWEELAALMPDPRATIREGMLAQPLGRMGQPAEVGAAAVFLASEANFC
TGIELLVTGGAELGYGCKASRSTPVDAPDIPSGS
;
_entity_poly.pdbx_strand_id   A
#
loop_
_chem_comp.id
_chem_comp.type
_chem_comp.name
_chem_comp.formula
9MH non-polymer 2-azanyl-~{N}-[2-(4-fluoranyl-3-oxidanyl-phenyl)carbonylquinolin-7-yl]ethanamide 'C18 H14 F N3 O3'
NA non-polymer 'SODIUM ION' 'Na 1'
NAD non-polymer NICOTINAMIDE-ADENINE-DINUCLEOTIDE 'C21 H27 N7 O14 P2'
#
# COMPACT_ATOMS: atom_id res chain seq x y z
N THR A 7 -0.61 15.25 -17.26
CA THR A 7 -1.65 16.11 -16.70
C THR A 7 -2.89 15.37 -16.19
N ARG A 8 -2.79 14.04 -16.08
CA ARG A 8 -3.96 13.25 -15.73
C ARG A 8 -4.50 13.59 -14.35
N TYR A 9 -3.64 14.03 -13.45
CA TYR A 9 -4.05 14.34 -12.09
C TYR A 9 -3.50 15.70 -11.68
N ALA A 10 -3.43 16.60 -12.63
CA ALA A 10 -2.95 17.95 -12.36
C ALA A 10 -3.91 18.68 -11.43
N GLY A 11 -3.33 19.52 -10.56
CA GLY A 11 -4.08 20.27 -9.57
C GLY A 11 -4.55 19.48 -8.37
N LYS A 12 -4.19 18.20 -8.28
CA LYS A 12 -4.63 17.31 -7.20
C LYS A 12 -3.52 17.15 -6.15
N VAL A 13 -3.93 16.76 -4.95
CA VAL A 13 -3.03 16.61 -3.79
C VAL A 13 -3.18 15.21 -3.23
N VAL A 14 -2.05 14.48 -3.11
CA VAL A 14 -2.04 13.05 -2.77
C VAL A 14 -1.12 12.82 -1.56
N VAL A 15 -1.58 12.03 -0.60
CA VAL A 15 -0.77 11.55 0.50
C VAL A 15 -0.48 10.06 0.29
N VAL A 16 0.80 9.67 0.38
CA VAL A 16 1.25 8.27 0.25
C VAL A 16 1.97 7.87 1.54
N THR A 17 1.44 6.88 2.26
CA THR A 17 2.11 6.43 3.47
C THR A 17 3.15 5.36 3.12
N GLY A 18 4.17 5.25 3.95
CA GLY A 18 5.29 4.39 3.61
C GLY A 18 5.91 4.77 2.28
N GLY A 19 5.90 6.06 1.92
CA GLY A 19 6.33 6.52 0.60
C GLY A 19 7.84 6.64 0.39
N GLY A 20 8.64 6.26 1.37
CA GLY A 20 10.07 6.53 1.32
C GLY A 20 10.89 5.55 0.51
N ARG A 21 10.38 4.35 0.27
CA ARG A 21 11.05 3.35 -0.56
C ARG A 21 10.02 2.35 -1.09
N GLY A 22 10.48 1.42 -1.94
CA GLY A 22 9.67 0.29 -2.35
C GLY A 22 8.45 0.69 -3.17
N ILE A 23 7.35 -0.04 -2.94
CA ILE A 23 6.09 0.26 -3.62
C ILE A 23 5.70 1.71 -3.40
N GLY A 24 5.73 2.15 -2.14
CA GLY A 24 5.38 3.53 -1.79
C GLY A 24 6.09 4.59 -2.62
N ALA A 25 7.41 4.46 -2.75
CA ALA A 25 8.18 5.41 -3.57
C ALA A 25 7.79 5.34 -5.03
N GLY A 26 7.53 4.13 -5.54
CA GLY A 26 7.03 4.00 -6.91
C GLY A 26 5.70 4.72 -7.11
N ILE A 27 4.80 4.63 -6.13
CA ILE A 27 3.52 5.32 -6.22
C ILE A 27 3.73 6.83 -6.15
N VAL A 28 4.65 7.29 -5.30
CA VAL A 28 4.97 8.73 -5.26
C VAL A 28 5.38 9.20 -6.64
N ARG A 29 6.35 8.51 -7.23
CA ARG A 29 6.84 8.94 -8.54
C ARG A 29 5.73 8.93 -9.59
N ALA A 30 4.82 7.96 -9.53
CA ALA A 30 3.78 7.88 -10.55
C ALA A 30 2.84 9.08 -10.46
N PHE A 31 2.52 9.51 -9.23
CA PHE A 31 1.61 10.64 -9.06
C PHE A 31 2.29 11.96 -9.43
N VAL A 32 3.53 12.17 -9.02
CA VAL A 32 4.25 13.35 -9.49
C VAL A 32 4.29 13.41 -11.01
N ASN A 33 4.57 12.29 -11.66
CA ASN A 33 4.59 12.24 -13.12
C ASN A 33 3.23 12.56 -13.73
N SER A 34 2.14 12.40 -12.97
CA SER A 34 0.81 12.69 -13.49
C SER A 34 0.36 14.12 -13.23
N GLY A 35 1.19 14.95 -12.59
CA GLY A 35 0.87 16.36 -12.36
C GLY A 35 0.46 16.71 -10.95
N ALA A 36 0.35 15.73 -10.05
CA ALA A 36 -0.13 15.98 -8.70
C ALA A 36 1.00 16.44 -7.80
N ARG A 37 0.62 17.10 -6.71
CA ARG A 37 1.50 17.37 -5.59
C ARG A 37 1.37 16.24 -4.58
N VAL A 38 2.49 15.74 -4.07
CA VAL A 38 2.48 14.54 -3.25
C VAL A 38 3.10 14.84 -1.91
N VAL A 39 2.45 14.36 -0.83
CA VAL A 39 3.03 14.33 0.50
C VAL A 39 3.52 12.91 0.79
N ILE A 40 4.81 12.80 1.08
CA ILE A 40 5.42 11.52 1.42
C ILE A 40 5.38 11.41 2.94
N CYS A 41 4.64 10.43 3.45
CA CYS A 41 4.69 10.06 4.86
C CYS A 41 5.56 8.83 5.03
N ASP A 42 6.47 8.87 5.99
CA ASP A 42 7.23 7.68 6.37
C ASP A 42 7.67 7.84 7.81
N LYS A 43 7.92 6.70 8.48
CA LYS A 43 8.43 6.73 9.84
C LYS A 43 9.94 6.85 9.87
N ASP A 44 10.62 6.58 8.75
N ASP A 44 10.59 6.65 8.72
CA ASP A 44 12.05 6.79 8.64
CA ASP A 44 12.05 6.74 8.56
C ASP A 44 12.33 7.94 7.69
C ASP A 44 12.37 7.91 7.64
N GLU A 45 13.39 8.69 8.01
CA GLU A 45 13.68 9.94 7.34
C GLU A 45 14.46 9.77 6.03
N SER A 46 15.24 8.70 5.92
CA SER A 46 16.34 8.67 4.94
C SER A 46 15.81 8.64 3.51
N GLY A 47 15.00 7.63 3.20
CA GLY A 47 14.47 7.53 1.85
C GLY A 47 13.62 8.73 1.47
N GLY A 48 12.68 9.07 2.34
CA GLY A 48 11.70 10.08 1.98
C GLY A 48 12.27 11.47 1.83
N ARG A 49 13.26 11.83 2.68
CA ARG A 49 13.87 13.17 2.60
C ARG A 49 14.63 13.35 1.28
N ALA A 50 15.34 12.30 0.87
CA ALA A 50 16.03 12.34 -0.42
C ALA A 50 15.05 12.48 -1.57
N LEU A 51 13.91 11.78 -1.50
CA LEU A 51 12.89 11.89 -2.54
C LEU A 51 12.31 13.30 -2.61
N GLU A 52 12.16 13.97 -1.47
N GLU A 52 12.18 13.96 -1.47
CA GLU A 52 11.68 15.35 -1.53
CA GLU A 52 11.70 15.34 -1.47
C GLU A 52 12.64 16.21 -2.34
C GLU A 52 12.63 16.24 -2.25
N GLN A 53 13.95 16.09 -2.05
CA GLN A 53 14.94 16.88 -2.79
C GLN A 53 14.98 16.51 -4.26
N GLU A 54 14.75 15.23 -4.58
CA GLU A 54 14.80 14.79 -5.97
C GLU A 54 13.62 15.34 -6.78
N LEU A 55 12.40 15.32 -6.23
CA LEU A 55 11.18 15.55 -7.01
C LEU A 55 10.54 16.89 -6.72
N PRO A 56 10.53 17.84 -7.67
CA PRO A 56 9.67 19.03 -7.48
C PRO A 56 8.23 18.56 -7.50
N GLY A 57 7.46 19.01 -6.53
CA GLY A 57 6.10 18.56 -6.41
C GLY A 57 5.90 17.52 -5.32
N ALA A 58 6.97 16.97 -4.76
CA ALA A 58 6.90 16.07 -3.61
C ALA A 58 7.55 16.69 -2.40
N VAL A 59 6.91 16.53 -1.24
CA VAL A 59 7.48 16.95 0.04
C VAL A 59 7.33 15.83 1.05
N PHE A 60 8.20 15.83 2.05
CA PHE A 60 8.29 14.77 3.04
C PHE A 60 7.80 15.23 4.41
N ILE A 61 6.95 14.41 5.03
CA ILE A 61 6.49 14.65 6.39
C ILE A 61 6.72 13.38 7.21
N LEU A 62 7.56 13.47 8.24
CA LEU A 62 7.78 12.34 9.14
C LEU A 62 6.49 12.01 9.89
N CYS A 63 6.09 10.75 9.87
CA CYS A 63 4.81 10.37 10.48
C CYS A 63 4.74 8.86 10.60
N ASP A 64 4.57 8.36 11.83
CA ASP A 64 4.34 6.94 12.10
C ASP A 64 2.84 6.71 12.13
N VAL A 65 2.31 5.92 11.18
CA VAL A 65 0.87 5.77 11.06
C VAL A 65 0.24 5.04 12.23
N THR A 66 1.04 4.38 13.07
CA THR A 66 0.49 3.80 14.29
C THR A 66 0.34 4.80 15.43
N GLN A 67 0.84 6.02 15.26
CA GLN A 67 0.72 7.08 16.26
C GLN A 67 -0.37 8.06 15.83
N GLU A 68 -1.52 8.03 16.52
CA GLU A 68 -2.67 8.81 16.10
C GLU A 68 -2.32 10.30 15.97
N ASP A 69 -1.48 10.82 16.85
CA ASP A 69 -1.17 12.26 16.80
C ASP A 69 -0.22 12.60 15.65
N ASP A 70 0.68 11.67 15.28
CA ASP A 70 1.42 11.82 14.02
C ASP A 70 0.46 11.95 12.83
N VAL A 71 -0.61 11.15 12.79
CA VAL A 71 -1.49 11.12 11.62
C VAL A 71 -2.36 12.36 11.58
N LYS A 72 -2.83 12.82 12.73
CA LYS A 72 -3.58 14.06 12.80
C LYS A 72 -2.75 15.21 12.24
N THR A 73 -1.50 15.32 12.67
CA THR A 73 -0.60 16.34 12.17
C THR A 73 -0.34 16.19 10.67
N LEU A 74 -0.16 14.95 10.20
CA LEU A 74 -0.01 14.71 8.77
C LEU A 74 -1.14 15.34 7.96
N VAL A 75 -2.38 15.12 8.39
CA VAL A 75 -3.50 15.66 7.63
C VAL A 75 -3.56 17.17 7.76
N SER A 76 -3.34 17.71 8.97
CA SER A 76 -3.56 19.14 9.15
C SER A 76 -2.49 19.95 8.44
N GLU A 77 -1.27 19.43 8.39
CA GLU A 77 -0.20 20.06 7.59
C GLU A 77 -0.43 19.95 6.08
N THR A 78 -0.99 18.84 5.59
CA THR A 78 -1.29 18.74 4.15
C THR A 78 -2.27 19.81 3.72
N ILE A 79 -3.33 20.02 4.50
CA ILE A 79 -4.31 21.07 4.23
C ILE A 79 -3.66 22.44 4.37
N ARG A 80 -2.81 22.64 5.41
CA ARG A 80 -2.24 23.97 5.63
C ARG A 80 -1.31 24.35 4.49
N ARG A 81 -0.54 23.38 4.01
CA ARG A 81 0.43 23.68 2.96
C ARG A 81 -0.16 23.70 1.54
N PHE A 82 -1.24 22.95 1.28
CA PHE A 82 -1.69 22.75 -0.10
C PHE A 82 -3.17 23.01 -0.33
N GLY A 83 -3.98 23.19 0.71
CA GLY A 83 -5.31 23.71 0.52
C GLY A 83 -6.38 22.72 0.15
N ARG A 84 -6.05 21.45 -0.03
CA ARG A 84 -7.04 20.44 -0.38
C ARG A 84 -6.39 19.08 -0.21
N LEU A 85 -7.23 18.04 -0.29
CA LEU A 85 -6.72 16.67 -0.27
C LEU A 85 -7.64 15.80 -1.11
N ASP A 86 -7.06 15.11 -2.11
CA ASP A 86 -7.80 14.42 -3.15
C ASP A 86 -7.68 12.91 -3.11
N CYS A 87 -6.59 12.38 -2.55
CA CYS A 87 -6.38 10.94 -2.60
C CYS A 87 -5.48 10.54 -1.45
N VAL A 88 -5.81 9.44 -0.76
CA VAL A 88 -4.94 8.87 0.26
C VAL A 88 -4.55 7.47 -0.18
N VAL A 89 -3.25 7.16 -0.16
CA VAL A 89 -2.75 5.83 -0.55
C VAL A 89 -2.15 5.21 0.70
N ASN A 90 -2.82 4.19 1.23
CA ASN A 90 -2.43 3.50 2.48
C ASN A 90 -1.54 2.34 2.08
N ASN A 91 -0.24 2.62 2.01
CA ASN A 91 0.77 1.68 1.58
C ASN A 91 1.64 1.15 2.72
N ALA A 92 1.83 1.92 3.80
CA ALA A 92 2.67 1.50 4.92
C ALA A 92 2.19 0.16 5.46
N GLY A 93 3.14 -0.73 5.70
CA GLY A 93 2.82 -2.08 6.14
C GLY A 93 4.08 -2.88 6.16
N HIS A 94 3.97 -4.08 6.75
CA HIS A 94 5.12 -4.94 6.98
C HIS A 94 4.76 -6.40 6.83
N HIS A 95 5.71 -7.18 6.30
CA HIS A 95 5.61 -8.64 6.29
C HIS A 95 6.69 -9.20 7.20
N PRO A 96 6.33 -9.84 8.31
CA PRO A 96 7.36 -10.43 9.17
C PRO A 96 8.10 -11.55 8.48
N PRO A 97 9.23 -11.99 9.01
CA PRO A 97 9.85 -13.19 8.47
C PRO A 97 8.89 -14.36 8.60
N PRO A 98 9.02 -15.37 7.75
CA PRO A 98 8.20 -16.59 7.87
C PRO A 98 8.16 -17.14 9.29
N GLN A 99 6.95 -17.45 9.76
CA GLN A 99 6.71 -17.95 11.11
C GLN A 99 5.68 -19.07 11.08
N ARG A 100 6.05 -20.24 11.62
CA ARG A 100 5.09 -21.32 11.81
C ARG A 100 3.97 -20.87 12.74
N PRO A 101 2.75 -21.43 12.58
CA PRO A 101 1.65 -20.94 13.43
C PRO A 101 1.94 -21.07 14.92
N GLU A 102 2.60 -22.16 15.37
CA GLU A 102 2.86 -22.30 16.81
C GLU A 102 3.97 -21.37 17.30
N GLU A 103 4.69 -20.71 16.40
CA GLU A 103 5.69 -19.71 16.72
C GLU A 103 5.14 -18.29 16.83
N THR A 104 3.87 -18.07 16.51
CA THR A 104 3.28 -16.75 16.62
C THR A 104 2.75 -16.52 18.04
N SER A 105 2.45 -15.28 18.34
CA SER A 105 1.89 -14.87 19.61
C SER A 105 0.72 -13.92 19.38
N ALA A 106 -0.23 -13.96 20.31
CA ALA A 106 -1.32 -13.00 20.27
C ALA A 106 -0.78 -11.57 20.27
N GLN A 107 0.32 -11.32 20.98
CA GLN A 107 0.80 -9.94 21.07
C GLN A 107 1.47 -9.49 19.78
N GLY A 108 2.29 -10.35 19.17
CA GLY A 108 2.82 -10.06 17.85
C GLY A 108 1.74 -9.83 16.81
N PHE A 109 0.67 -10.62 16.89
CA PHE A 109 -0.47 -10.47 15.98
C PHE A 109 -1.13 -9.10 16.17
N ARG A 110 -1.36 -8.68 17.42
CA ARG A 110 -1.94 -7.36 17.70
C ARG A 110 -1.08 -6.22 17.13
N GLN A 111 0.23 -6.30 17.32
CA GLN A 111 1.14 -5.29 16.79
C GLN A 111 1.09 -5.23 15.27
N LEU A 112 0.96 -6.38 14.61
CA LEU A 112 0.93 -6.33 13.15
C LEU A 112 -0.39 -5.74 12.67
N LEU A 113 -1.47 -6.07 13.37
CA LEU A 113 -2.76 -5.47 13.08
C LEU A 113 -2.69 -3.97 13.25
N GLU A 114 -1.88 -3.50 14.20
CA GLU A 114 -1.76 -2.07 14.46
C GLU A 114 -1.18 -1.32 13.26
N LEU A 115 -0.17 -1.89 12.61
CA LEU A 115 0.35 -1.23 11.42
C LEU A 115 -0.50 -1.51 10.20
N ASN A 116 -0.65 -2.79 9.84
CA ASN A 116 -1.19 -3.11 8.53
C ASN A 116 -2.67 -2.78 8.39
N LEU A 117 -3.44 -2.81 9.49
CA LEU A 117 -4.87 -2.56 9.48
C LEU A 117 -5.27 -1.24 10.13
N LEU A 118 -4.95 -1.02 11.40
CA LEU A 118 -5.45 0.16 12.11
C LEU A 118 -4.80 1.46 11.62
N GLY A 119 -3.56 1.43 11.14
CA GLY A 119 -2.92 2.65 10.60
C GLY A 119 -3.64 3.16 9.36
N THR A 120 -4.00 2.22 8.48
CA THR A 120 -4.88 2.48 7.36
C THR A 120 -6.23 3.04 7.81
N TYR A 121 -6.84 2.37 8.79
CA TYR A 121 -8.13 2.85 9.30
C TYR A 121 -8.02 4.30 9.79
N THR A 122 -6.98 4.61 10.56
CA THR A 122 -6.86 5.92 11.22
C THR A 122 -6.66 7.06 10.22
N LEU A 123 -5.75 6.88 9.25
CA LEU A 123 -5.54 7.94 8.25
C LEU A 123 -6.77 8.09 7.37
N THR A 124 -7.38 6.98 6.97
CA THR A 124 -8.63 7.09 6.21
C THR A 124 -9.65 7.93 6.97
N LYS A 125 -9.83 7.65 8.27
CA LYS A 125 -10.84 8.35 9.08
C LYS A 125 -10.55 9.86 9.17
N LEU A 126 -9.32 10.22 9.45
CA LEU A 126 -9.01 11.63 9.58
C LEU A 126 -9.03 12.37 8.25
N ALA A 127 -8.87 11.67 7.14
CA ALA A 127 -8.86 12.30 5.82
C ALA A 127 -10.22 12.40 5.18
N LEU A 128 -11.18 11.56 5.57
CA LEU A 128 -12.43 11.50 4.81
C LEU A 128 -13.17 12.82 4.77
N PRO A 129 -13.23 13.62 5.84
CA PRO A 129 -13.90 14.93 5.71
C PRO A 129 -13.40 15.73 4.54
N TYR A 130 -12.09 15.67 4.28
CA TYR A 130 -11.49 16.48 3.23
C TYR A 130 -11.71 15.83 1.87
N LEU A 131 -11.69 14.49 1.82
CA LEU A 131 -12.00 13.77 0.60
C LEU A 131 -13.43 13.99 0.18
N ARG A 132 -14.37 14.05 1.13
CA ARG A 132 -15.74 14.35 0.77
C ARG A 132 -15.84 15.71 0.09
N LYS A 133 -15.10 16.70 0.57
CA LYS A 133 -15.19 18.04 -0.03
C LYS A 133 -14.66 18.05 -1.44
N SER A 134 -13.72 17.18 -1.76
CA SER A 134 -13.07 17.17 -3.06
C SER A 134 -13.59 16.07 -3.97
N GLN A 135 -14.60 15.30 -3.52
CA GLN A 135 -14.97 14.04 -4.14
C GLN A 135 -13.72 13.24 -4.49
N GLY A 136 -12.87 13.09 -3.47
CA GLY A 136 -11.61 12.37 -3.56
C GLY A 136 -11.80 10.87 -3.46
N ASN A 137 -10.70 10.16 -3.21
CA ASN A 137 -10.77 8.70 -3.20
C ASN A 137 -9.63 8.13 -2.35
N VAL A 138 -9.86 6.89 -1.89
CA VAL A 138 -8.97 6.13 -1.04
C VAL A 138 -8.46 4.94 -1.83
N ILE A 139 -7.16 4.66 -1.70
CA ILE A 139 -6.55 3.49 -2.32
C ILE A 139 -5.75 2.75 -1.23
N ASN A 140 -6.16 1.52 -0.91
CA ASN A 140 -5.43 0.70 0.07
C ASN A 140 -4.57 -0.33 -0.65
N ILE A 141 -3.36 -0.56 -0.14
CA ILE A 141 -2.45 -1.54 -0.71
C ILE A 141 -2.60 -2.82 0.14
N SER A 142 -3.35 -3.78 -0.36
CA SER A 142 -3.53 -5.03 0.38
C SER A 142 -2.48 -6.05 -0.07
N SER A 143 -2.92 -7.26 -0.41
CA SER A 143 -2.04 -8.29 -0.92
C SER A 143 -2.87 -9.40 -1.55
N LEU A 144 -2.32 -9.99 -2.60
CA LEU A 144 -2.90 -11.23 -3.12
C LEU A 144 -3.03 -12.29 -2.04
N VAL A 145 -2.13 -12.32 -1.04
CA VAL A 145 -2.19 -13.45 -0.11
C VAL A 145 -3.35 -13.33 0.85
N GLY A 146 -3.96 -12.16 0.94
CA GLY A 146 -5.22 -12.02 1.66
C GLY A 146 -6.33 -12.85 1.06
N ALA A 147 -6.29 -13.06 -0.26
CA ALA A 147 -7.33 -13.77 -0.98
C ALA A 147 -7.05 -15.26 -1.13
N ILE A 148 -5.80 -15.65 -1.36
CA ILE A 148 -5.46 -17.05 -1.62
C ILE A 148 -4.68 -17.70 -0.48
N GLY A 149 -4.26 -16.95 0.52
CA GLY A 149 -3.45 -17.48 1.60
C GLY A 149 -1.98 -17.56 1.25
N GLN A 150 -1.17 -17.76 2.28
CA GLN A 150 0.26 -17.92 2.15
C GLN A 150 0.74 -18.79 3.31
N ALA A 151 1.81 -19.53 3.06
CA ALA A 151 2.42 -20.37 4.07
C ALA A 151 3.30 -19.54 5.02
N GLN A 152 3.35 -20.00 6.28
CA GLN A 152 4.13 -19.36 7.35
C GLN A 152 3.91 -17.85 7.45
N ALA A 153 2.63 -17.44 7.44
CA ALA A 153 2.29 -16.03 7.56
C ALA A 153 0.85 -15.80 8.04
N VAL A 154 0.42 -16.58 9.01
CA VAL A 154 -0.96 -16.46 9.49
C VAL A 154 -1.30 -15.02 9.90
N PRO A 155 -0.49 -14.32 10.71
CA PRO A 155 -0.86 -12.95 11.06
C PRO A 155 -0.89 -12.02 9.86
N TYR A 156 0.18 -12.01 9.06
CA TYR A 156 0.21 -11.16 7.86
C TYR A 156 -1.03 -11.40 7.00
N VAL A 157 -1.30 -12.67 6.68
CA VAL A 157 -2.42 -12.99 5.78
C VAL A 157 -3.74 -12.48 6.37
N ALA A 158 -3.91 -12.61 7.68
CA ALA A 158 -5.17 -12.18 8.28
C ALA A 158 -5.31 -10.66 8.20
N THR A 159 -4.19 -9.91 8.32
CA THR A 159 -4.28 -8.44 8.28
C THR A 159 -4.69 -7.97 6.89
N LYS A 160 -4.21 -8.65 5.84
CA LYS A 160 -4.55 -8.24 4.47
C LYS A 160 -5.93 -8.72 4.07
N GLY A 161 -6.38 -9.85 4.59
CA GLY A 161 -7.78 -10.20 4.40
C GLY A 161 -8.69 -9.12 4.96
N ALA A 162 -8.32 -8.59 6.13
CA ALA A 162 -9.10 -7.54 6.77
C ALA A 162 -9.10 -6.25 5.96
N VAL A 163 -7.96 -5.88 5.36
CA VAL A 163 -7.88 -4.64 4.58
C VAL A 163 -8.74 -4.73 3.33
N THR A 164 -8.73 -5.88 2.67
CA THR A 164 -9.54 -6.04 1.46
C THR A 164 -11.02 -6.00 1.79
N ALA A 165 -11.42 -6.67 2.88
CA ALA A 165 -12.82 -6.63 3.26
C ALA A 165 -13.25 -5.23 3.71
N MET A 166 -12.42 -4.58 4.52
CA MET A 166 -12.67 -3.20 4.97
C MET A 166 -12.87 -2.23 3.80
N THR A 167 -12.07 -2.39 2.73
CA THR A 167 -12.23 -1.59 1.52
C THR A 167 -13.64 -1.67 0.98
N LYS A 168 -14.22 -2.87 0.97
CA LYS A 168 -15.56 -3.04 0.41
C LYS A 168 -16.63 -2.44 1.31
N ALA A 169 -16.50 -2.61 2.63
CA ALA A 169 -17.44 -2.01 3.58
C ALA A 169 -17.42 -0.48 3.48
N LEU A 170 -16.23 0.10 3.46
CA LEU A 170 -16.10 1.56 3.43
C LEU A 170 -16.60 2.14 2.10
N ALA A 171 -16.30 1.45 0.98
CA ALA A 171 -16.90 1.79 -0.31
C ALA A 171 -18.41 1.92 -0.22
N LEU A 172 -19.06 0.94 0.41
CA LEU A 172 -20.51 1.00 0.62
C LEU A 172 -20.89 2.27 1.37
N ASP A 173 -20.24 2.53 2.50
CA ASP A 173 -20.66 3.65 3.34
C ASP A 173 -20.39 4.99 2.69
N GLU A 174 -19.31 5.11 1.90
CA GLU A 174 -18.94 6.42 1.35
C GLU A 174 -19.53 6.68 -0.03
N SER A 175 -20.14 5.67 -0.67
CA SER A 175 -20.67 5.89 -2.00
C SER A 175 -21.73 6.98 -2.07
N PRO A 176 -22.63 7.16 -1.09
CA PRO A 176 -23.57 8.30 -1.15
C PRO A 176 -22.90 9.64 -1.18
N TYR A 177 -21.67 9.75 -0.68
CA TYR A 177 -20.99 11.03 -0.61
C TYR A 177 -20.04 11.23 -1.78
N GLY A 178 -20.04 10.31 -2.76
CA GLY A 178 -19.20 10.44 -3.94
C GLY A 178 -17.74 10.11 -3.76
N VAL A 179 -17.36 9.49 -2.65
CA VAL A 179 -15.98 9.13 -2.37
C VAL A 179 -15.79 7.65 -2.69
N ARG A 180 -14.89 7.34 -3.62
CA ARG A 180 -14.58 5.98 -4.03
C ARG A 180 -13.49 5.38 -3.12
N VAL A 181 -13.56 4.06 -2.89
CA VAL A 181 -12.63 3.36 -1.99
C VAL A 181 -12.27 2.04 -2.66
N ASN A 182 -10.99 1.87 -3.01
CA ASN A 182 -10.56 0.70 -3.77
C ASN A 182 -9.27 0.16 -3.18
N CYS A 183 -8.91 -1.05 -3.57
CA CYS A 183 -7.63 -1.56 -3.13
C CYS A 183 -6.87 -2.20 -4.28
N ILE A 184 -5.57 -2.25 -4.13
CA ILE A 184 -4.68 -2.96 -5.04
C ILE A 184 -4.10 -4.12 -4.25
N SER A 185 -4.13 -5.32 -4.82
CA SER A 185 -3.53 -6.50 -4.21
C SER A 185 -2.33 -6.87 -5.04
N PRO A 186 -1.13 -6.40 -4.70
CA PRO A 186 0.06 -6.86 -5.41
C PRO A 186 0.39 -8.29 -5.03
N GLY A 187 1.05 -8.98 -5.95
CA GLY A 187 1.74 -10.23 -5.65
C GLY A 187 3.21 -9.92 -5.37
N ASN A 188 4.09 -10.83 -5.79
CA ASN A 188 5.52 -10.62 -5.56
C ASN A 188 6.02 -9.39 -6.29
N ILE A 189 6.33 -8.31 -5.56
CA ILE A 189 6.96 -7.11 -6.11
C ILE A 189 8.39 -6.99 -5.56
N TRP A 190 9.34 -6.63 -6.43
CA TRP A 190 10.75 -6.56 -6.01
C TRP A 190 11.01 -5.22 -5.35
N THR A 191 11.21 -5.25 -4.02
CA THR A 191 11.34 -4.11 -3.13
C THR A 191 12.43 -4.39 -2.11
N PRO A 192 12.87 -3.39 -1.34
CA PRO A 192 13.82 -3.67 -0.25
C PRO A 192 13.29 -4.65 0.81
N LEU A 193 11.97 -4.71 1.04
CA LEU A 193 11.44 -5.71 1.98
C LEU A 193 11.62 -7.12 1.42
N TRP A 194 11.26 -7.35 0.15
CA TRP A 194 11.52 -8.65 -0.46
C TRP A 194 13.00 -9.02 -0.33
N GLU A 195 13.89 -8.08 -0.69
CA GLU A 195 15.33 -8.34 -0.57
C GLU A 195 15.73 -8.71 0.87
N GLU A 196 15.19 -7.99 1.87
CA GLU A 196 15.54 -8.25 3.26
C GLU A 196 15.07 -9.63 3.73
N LEU A 197 13.84 -10.02 3.36
CA LEU A 197 13.36 -11.36 3.72
C LEU A 197 14.17 -12.45 3.04
N ALA A 198 14.49 -12.29 1.75
CA ALA A 198 15.28 -13.31 1.07
C ALA A 198 16.64 -13.46 1.72
N ALA A 199 17.24 -12.36 2.17
CA ALA A 199 18.56 -12.37 2.79
C ALA A 199 18.62 -13.14 4.10
N LEU A 200 17.46 -13.40 4.72
CA LEU A 200 17.37 -14.21 5.94
C LEU A 200 17.35 -15.70 5.67
N MET A 201 17.15 -16.12 4.44
CA MET A 201 16.90 -17.53 4.15
C MET A 201 18.22 -18.27 3.93
N PRO A 202 18.21 -19.59 4.08
CA PRO A 202 19.44 -20.36 3.82
C PRO A 202 20.10 -20.06 2.49
N ASP A 203 19.31 -20.02 1.41
CA ASP A 203 19.81 -19.80 0.05
C ASP A 203 19.04 -18.61 -0.49
N PRO A 204 19.50 -17.39 -0.26
CA PRO A 204 18.82 -16.22 -0.81
C PRO A 204 18.52 -16.30 -2.29
N ARG A 205 19.49 -16.72 -3.12
CA ARG A 205 19.27 -16.69 -4.57
C ARG A 205 18.21 -17.70 -4.98
N ALA A 206 18.25 -18.92 -4.41
CA ALA A 206 17.18 -19.87 -4.68
C ALA A 206 15.82 -19.33 -4.25
N THR A 207 15.78 -18.57 -3.16
CA THR A 207 14.49 -18.07 -2.71
C THR A 207 13.95 -17.04 -3.68
N ILE A 208 14.86 -16.23 -4.26
CA ILE A 208 14.47 -15.23 -5.24
C ILE A 208 14.07 -15.86 -6.57
N ARG A 209 14.74 -16.95 -6.97
CA ARG A 209 14.34 -17.67 -8.17
C ARG A 209 12.95 -18.25 -8.01
N GLU A 210 12.71 -18.91 -6.88
CA GLU A 210 11.37 -19.37 -6.52
C GLU A 210 10.33 -18.26 -6.66
N GLY A 211 10.63 -17.08 -6.12
CA GLY A 211 9.67 -15.97 -6.16
C GLY A 211 9.33 -15.52 -7.58
N MET A 212 10.35 -15.44 -8.44
CA MET A 212 10.13 -15.06 -9.84
C MET A 212 9.22 -16.05 -10.56
N LEU A 213 9.45 -17.35 -10.35
CA LEU A 213 8.75 -18.39 -11.09
C LEU A 213 7.38 -18.69 -10.52
N ALA A 214 6.98 -18.03 -9.43
CA ALA A 214 5.61 -18.18 -8.97
C ALA A 214 4.65 -17.44 -9.89
N GLN A 215 5.17 -16.67 -10.84
CA GLN A 215 4.35 -15.89 -11.75
C GLN A 215 4.42 -16.49 -13.13
N PRO A 216 3.29 -16.72 -13.80
CA PRO A 216 3.36 -17.13 -15.20
C PRO A 216 4.26 -16.24 -16.03
N LEU A 217 4.35 -14.96 -15.68
CA LEU A 217 5.19 -14.05 -16.43
C LEU A 217 6.67 -14.24 -16.15
N GLY A 218 7.03 -15.02 -15.13
CA GLY A 218 8.42 -15.39 -14.91
C GLY A 218 9.32 -14.35 -14.28
N ARG A 219 8.76 -13.22 -13.85
CA ARG A 219 9.49 -12.17 -13.16
C ARG A 219 8.62 -11.66 -12.02
N MET A 220 9.22 -10.90 -11.10
CA MET A 220 8.45 -10.16 -10.12
C MET A 220 8.01 -8.83 -10.72
N GLY A 221 7.13 -8.15 -10.02
CA GLY A 221 6.65 -6.86 -10.46
C GLY A 221 7.53 -5.74 -9.93
N GLN A 222 7.27 -4.54 -10.44
CA GLN A 222 8.02 -3.34 -10.08
C GLN A 222 7.13 -2.35 -9.36
N PRO A 223 7.69 -1.55 -8.45
CA PRO A 223 6.93 -0.46 -7.82
C PRO A 223 6.23 0.47 -8.82
N ALA A 224 6.88 0.77 -9.96
CA ALA A 224 6.26 1.63 -10.99
C ALA A 224 4.96 1.04 -11.52
N GLU A 225 4.86 -0.29 -11.59
CA GLU A 225 3.63 -0.90 -12.09
C GLU A 225 2.50 -0.78 -11.08
N VAL A 226 2.80 -0.96 -9.80
CA VAL A 226 1.80 -0.68 -8.78
C VAL A 226 1.44 0.80 -8.82
N GLY A 227 2.43 1.67 -9.04
CA GLY A 227 2.15 3.08 -9.15
C GLY A 227 1.21 3.42 -10.29
N ALA A 228 1.43 2.81 -11.46
CA ALA A 228 0.52 3.08 -12.59
C ALA A 228 -0.91 2.63 -12.25
N ALA A 229 -1.05 1.49 -11.59
CA ALA A 229 -2.39 1.05 -11.19
C ALA A 229 -3.04 2.04 -10.24
N ALA A 230 -2.24 2.63 -9.31
CA ALA A 230 -2.77 3.61 -8.37
C ALA A 230 -3.29 4.83 -9.09
N VAL A 231 -2.47 5.39 -9.99
CA VAL A 231 -2.86 6.58 -10.75
C VAL A 231 -4.13 6.33 -11.55
N PHE A 232 -4.26 5.13 -12.14
CA PHE A 232 -5.50 4.77 -12.84
C PHE A 232 -6.72 4.83 -11.92
N LEU A 233 -6.63 4.23 -10.75
CA LEU A 233 -7.75 4.25 -9.81
C LEU A 233 -8.09 5.67 -9.37
N ALA A 234 -7.09 6.49 -9.11
CA ALA A 234 -7.33 7.86 -8.68
C ALA A 234 -7.99 8.67 -9.79
N SER A 235 -7.41 8.61 -10.98
CA SER A 235 -7.65 9.65 -11.97
C SER A 235 -8.62 9.25 -13.06
N GLU A 236 -8.88 7.95 -13.25
CA GLU A 236 -9.64 7.50 -14.41
C GLU A 236 -10.72 6.47 -14.12
N ALA A 237 -10.79 5.90 -12.93
CA ALA A 237 -11.68 4.77 -12.63
C ALA A 237 -12.93 5.26 -11.91
N ASN A 238 -13.59 6.23 -12.52
CA ASN A 238 -14.66 6.94 -11.82
C ASN A 238 -15.91 6.09 -11.57
N PHE A 239 -16.05 4.92 -12.21
CA PHE A 239 -17.16 3.98 -11.95
C PHE A 239 -16.66 2.76 -11.15
N CYS A 240 -15.45 2.81 -10.62
CA CYS A 240 -14.92 1.69 -9.82
C CYS A 240 -14.96 2.07 -8.36
N THR A 241 -15.64 1.26 -7.55
CA THR A 241 -15.50 1.42 -6.12
C THR A 241 -15.64 0.06 -5.47
N GLY A 242 -14.87 -0.15 -4.43
CA GLY A 242 -14.89 -1.42 -3.74
C GLY A 242 -14.23 -2.54 -4.49
N ILE A 243 -13.39 -2.23 -5.51
CA ILE A 243 -12.79 -3.29 -6.30
C ILE A 243 -11.45 -3.67 -5.69
N GLU A 244 -10.96 -4.85 -6.08
CA GLU A 244 -9.62 -5.33 -5.70
C GLU A 244 -8.86 -5.54 -6.99
N LEU A 245 -7.92 -4.63 -7.30
CA LEU A 245 -7.18 -4.66 -8.55
C LEU A 245 -5.91 -5.50 -8.39
N LEU A 246 -5.83 -6.64 -9.06
CA LEU A 246 -4.70 -7.56 -8.89
C LEU A 246 -3.52 -7.16 -9.77
N VAL A 247 -2.35 -7.04 -9.14
CA VAL A 247 -1.11 -6.70 -9.82
C VAL A 247 -0.11 -7.78 -9.39
N THR A 248 -0.22 -8.94 -10.02
CA THR A 248 0.36 -10.17 -9.51
C THR A 248 1.11 -10.98 -10.56
N GLY A 249 1.06 -10.61 -11.85
CA GLY A 249 1.68 -11.40 -12.89
C GLY A 249 1.04 -12.76 -13.16
N GLY A 250 -0.17 -13.01 -12.68
CA GLY A 250 -0.87 -14.26 -12.90
C GLY A 250 -0.63 -15.36 -11.89
N ALA A 251 0.00 -15.04 -10.75
CA ALA A 251 0.36 -16.08 -9.78
C ALA A 251 -0.86 -16.85 -9.26
N GLU A 252 -2.05 -16.22 -9.25
CA GLU A 252 -3.25 -16.91 -8.76
C GLU A 252 -3.85 -17.88 -9.77
N LEU A 253 -3.33 -17.93 -10.99
CA LEU A 253 -3.88 -18.71 -12.09
C LEU A 253 -3.30 -20.11 -12.11
N GLY A 254 -4.13 -21.09 -12.40
CA GLY A 254 -3.67 -22.44 -12.71
C GLY A 254 -3.12 -23.22 -11.51
N TYR A 255 -2.68 -24.46 -11.79
CA TYR A 255 -2.09 -25.37 -10.81
C TYR A 255 -0.58 -25.16 -10.70
N GLY A 256 -0.07 -25.42 -9.50
CA GLY A 256 1.36 -25.31 -9.25
C GLY A 256 1.84 -26.38 -8.32
N CYS A 257 2.97 -26.15 -7.67
CA CYS A 257 3.57 -27.08 -6.73
C CYS A 257 3.28 -26.57 -5.32
N LYS A 258 2.34 -27.23 -4.64
CA LYS A 258 1.88 -26.82 -3.32
C LYS A 258 2.24 -27.81 -2.23
N ALA A 259 2.85 -28.94 -2.57
CA ALA A 259 3.30 -29.93 -1.59
C ALA A 259 4.74 -30.35 -1.90
N PRO A 268 -2.07 -42.82 -4.80
CA PRO A 268 -2.29 -41.59 -5.59
C PRO A 268 -3.42 -40.73 -5.03
N ASP A 269 -4.46 -41.38 -4.54
CA ASP A 269 -5.59 -40.72 -3.85
C ASP A 269 -5.70 -41.26 -2.43
NA NA B . 10.34 18.34 -3.74
PA NAD C . 9.10 -1.82 2.15
O1A NAD C . 9.53 -2.35 3.46
O2A NAD C . 10.14 -1.96 1.08
O5B NAD C . 8.77 -0.26 2.39
C5B NAD C . 7.67 0.08 3.26
C4B NAD C . 7.82 1.52 3.69
O4B NAD C . 6.83 1.79 4.70
C3B NAD C . 9.19 1.89 4.30
O3B NAD C . 9.70 3.14 3.83
C2B NAD C . 8.89 1.93 5.80
O2B NAD C . 9.67 2.85 6.56
C1B NAD C . 7.45 2.43 5.80
N9A NAD C . 6.73 2.15 7.03
C8A NAD C . 6.76 1.01 7.80
N7A NAD C . 6.11 1.11 8.94
C5A NAD C . 5.62 2.42 8.91
C6A NAD C . 4.88 3.17 9.83
N6A NAD C . 4.47 2.69 11.02
N1A NAD C . 4.59 4.45 9.52
C2A NAD C . 5.02 4.95 8.35
N3A NAD C . 5.71 4.33 7.39
C4A NAD C . 5.98 3.06 7.74
O3 NAD C . 7.78 -2.57 1.69
PN NAD C . 7.06 -2.84 0.29
O1N NAD C . 7.32 -1.64 -0.55
O2N NAD C . 7.55 -4.16 -0.18
O5D NAD C . 5.54 -2.97 0.71
C5D NAD C . 4.64 -1.83 0.74
C4D NAD C . 3.25 -2.36 0.94
O4D NAD C . 2.95 -3.34 -0.09
C3D NAD C . 2.95 -3.05 2.29
O3D NAD C . 1.64 -2.70 2.73
C2D NAD C . 3.01 -4.54 1.93
O2D NAD C . 2.21 -5.35 2.79
C1D NAD C . 2.44 -4.50 0.51
N1N NAD C . 2.79 -5.68 -0.39
C2N NAD C . 4.06 -5.87 -0.79
C3N NAD C . 4.38 -6.91 -1.63
C7N NAD C . 5.75 -7.25 -2.16
O7N NAD C . 5.90 -8.29 -2.81
N7N NAD C . 6.79 -6.41 -1.87
C4N NAD C . 3.36 -7.75 -2.06
C5N NAD C . 2.06 -7.54 -1.63
C6N NAD C . 1.80 -6.49 -0.79
C13 9MH D . 2.83 -11.05 -1.14
C12 9MH D . 3.90 -11.78 -1.59
C10 9MH D . 5.23 -10.84 0.19
C7 9MH D . 8.89 -11.40 0.53
C4 9MH D . 10.47 -14.72 1.05
C3 9MH D . 10.09 -15.97 1.42
C2 9MH D . 8.75 -16.27 1.69
C1 9MH D . 9.15 -18.70 2.05
F 9MH D . 1.66 -11.13 -1.84
C11 9MH D . 5.11 -11.67 -0.92
C14 9MH D . 2.91 -10.20 -0.02
O2 9MH D . 1.88 -9.42 0.43
C15 9MH D . 4.14 -10.10 0.63
C9 9MH D . 6.52 -10.70 0.92
O1 9MH D . 6.72 -9.74 1.65
C8 9MH D . 7.58 -11.76 0.83
C6 9MH D . 9.85 -12.35 0.57
N2 9MH D . 7.20 -13.00 1.15
C16 9MH D . 8.17 -13.97 1.20
C5 9MH D . 9.53 -13.68 0.92
C17 9MH D . 7.81 -15.28 1.58
N1 9MH D . 8.39 -17.58 2.10
O 9MH D . 10.32 -18.73 1.68
C 9MH D . 8.43 -19.98 2.48
N 9MH D . 7.80 -19.82 3.79
#